data_1ETP
#
_entry.id   1ETP
#
_cell.length_a   49.490
_cell.length_b   58.580
_cell.length_c   63.510
_cell.angle_alpha   90.00
_cell.angle_beta   96.96
_cell.angle_gamma   90.00
#
_symmetry.space_group_name_H-M   'P 1 21 1'
#
loop_
_entity.id
_entity.type
_entity.pdbx_description
1 polymer 'CYTOCHROME C4'
2 non-polymer 'PROTOPORPHYRIN IX CONTAINING FE'
3 water water
#
_entity_poly.entity_id   1
_entity_poly.type   'polypeptide(L)'
_entity_poly.pdbx_seq_one_letter_code
;AGDAEAGQGKVAVCGACHGVDGNSPAPNFPKLAGQGERYLLKQLQDIKAGSTPGAPEGVGRKVLEMTGMLDPLSDQDLED
IAAYFSSQKGSVGYADPALAKQGEKLFRGGKLDQGMPACTGCHAPNGVGNDLAGFPKLGGQHAAYTAKQLTDFREGNRTN
DGDTMIMRGVAAKLSNKDIEALSSYIQGLH
;
_entity_poly.pdbx_strand_id   A,B
#
loop_
_chem_comp.id
_chem_comp.type
_chem_comp.name
_chem_comp.formula
HEM non-polymer 'PROTOPORPHYRIN IX CONTAINING FE' 'C34 H32 Fe N4 O4'
#
# COMPACT_ATOMS: atom_id res chain seq x y z
N ALA A 1 -13.65 13.29 4.80
CA ALA A 1 -12.77 14.37 5.33
C ALA A 1 -13.35 14.90 6.62
N GLY A 2 -12.58 15.74 7.29
CA GLY A 2 -13.01 16.29 8.56
C GLY A 2 -12.99 17.79 8.64
N ASP A 3 -13.70 18.28 9.63
CA ASP A 3 -13.80 19.71 9.89
C ASP A 3 -12.71 20.03 10.95
N ALA A 4 -11.65 20.67 10.50
CA ALA A 4 -10.55 21.04 11.38
C ALA A 4 -11.07 21.98 12.48
N GLU A 5 -11.94 22.90 12.09
CA GLU A 5 -12.52 23.87 12.99
C GLU A 5 -13.19 23.17 14.16
N ALA A 6 -14.06 22.22 13.86
CA ALA A 6 -14.74 21.45 14.89
C ALA A 6 -13.72 20.63 15.71
N GLY A 7 -12.75 20.08 15.00
CA GLY A 7 -11.74 19.24 15.62
C GLY A 7 -10.91 19.93 16.68
N GLN A 8 -10.64 21.21 16.50
CA GLN A 8 -9.82 21.91 17.48
C GLN A 8 -10.52 22.12 18.84
N GLY A 9 -11.82 21.84 18.88
CA GLY A 9 -12.53 21.94 20.13
C GLY A 9 -12.62 20.59 20.81
N LYS A 10 -12.24 19.54 20.12
CA LYS A 10 -12.32 18.18 20.66
C LYS A 10 -10.97 17.63 21.15
N VAL A 11 -9.99 18.53 21.34
CA VAL A 11 -8.64 18.13 21.68
C VAL A 11 -8.06 18.61 23.03
N ALA A 12 -8.91 19.10 23.93
CA ALA A 12 -8.45 19.60 25.23
C ALA A 12 -7.50 18.64 25.95
N VAL A 13 -7.99 17.44 26.24
CA VAL A 13 -7.23 16.39 26.91
C VAL A 13 -5.91 16.01 26.21
N CYS A 14 -5.77 16.35 24.92
CA CYS A 14 -4.60 15.97 24.13
C CYS A 14 -3.41 16.91 24.39
N GLY A 15 -3.69 18.21 24.44
CA GLY A 15 -2.67 19.22 24.62
C GLY A 15 -1.56 19.03 25.65
N ALA A 16 -1.84 18.40 26.78
CA ALA A 16 -0.82 18.19 27.79
C ALA A 16 0.38 17.39 27.24
N CYS A 17 0.08 16.35 26.45
CA CYS A 17 1.13 15.55 25.88
C CYS A 17 1.54 15.95 24.47
N HIS A 18 0.59 16.37 23.65
CA HIS A 18 0.92 16.65 22.26
C HIS A 18 1.07 18.10 21.91
N GLY A 19 0.80 18.97 22.87
CA GLY A 19 0.83 20.39 22.58
C GLY A 19 -0.48 20.77 21.90
N VAL A 20 -0.90 22.02 22.06
CA VAL A 20 -2.13 22.53 21.48
C VAL A 20 -2.21 22.37 19.95
N ASP A 21 -1.12 22.72 19.27
CA ASP A 21 -1.02 22.58 17.81
C ASP A 21 -0.44 21.24 17.34
N GLY A 22 -0.28 20.28 18.26
CA GLY A 22 0.31 19.01 17.90
C GLY A 22 1.83 18.95 17.84
N ASN A 23 2.51 20.04 18.18
CA ASN A 23 3.98 20.01 18.18
C ASN A 23 4.46 19.68 19.57
N SER A 24 4.49 18.37 19.80
CA SER A 24 4.84 17.79 21.07
C SER A 24 6.09 18.30 21.76
N PRO A 25 6.02 18.35 23.10
CA PRO A 25 7.06 18.78 24.05
C PRO A 25 8.06 17.65 24.30
N ALA A 26 7.59 16.61 24.99
CA ALA A 26 8.41 15.46 25.35
C ALA A 26 8.79 14.67 24.10
N PRO A 27 10.06 14.21 24.03
CA PRO A 27 10.59 13.44 22.91
C PRO A 27 9.82 12.16 22.67
N ASN A 28 9.26 11.60 23.73
CA ASN A 28 8.54 10.33 23.66
C ASN A 28 7.12 10.50 23.18
N PHE A 29 6.67 11.74 23.09
CA PHE A 29 5.32 12.03 22.64
C PHE A 29 5.41 12.46 21.19
N PRO A 30 4.79 11.69 20.30
CA PRO A 30 4.81 11.97 18.87
C PRO A 30 4.18 13.26 18.44
N LYS A 31 4.89 13.99 17.61
CA LYS A 31 4.34 15.19 17.05
C LYS A 31 3.19 14.78 16.11
N LEU A 32 2.10 15.55 16.10
CA LEU A 32 0.94 15.26 15.24
C LEU A 32 0.71 16.40 14.24
N ALA A 33 1.32 17.55 14.47
CA ALA A 33 1.17 18.69 13.57
C ALA A 33 1.69 18.39 12.17
N GLY A 34 0.83 18.64 11.17
CA GLY A 34 1.19 18.46 9.77
C GLY A 34 1.28 17.04 9.27
N GLN A 35 0.96 16.07 10.12
CA GLN A 35 0.92 14.66 9.74
C GLN A 35 -0.28 14.44 8.81
N GLY A 36 -0.22 13.45 7.94
CA GLY A 36 -1.33 13.22 7.03
C GLY A 36 -2.64 12.87 7.72
N GLU A 37 -3.75 13.40 7.20
CA GLU A 37 -5.06 13.16 7.79
C GLU A 37 -5.49 11.69 7.78
N ARG A 38 -5.25 11.00 6.67
CA ARG A 38 -5.66 9.60 6.54
C ARG A 38 -4.91 8.71 7.52
N TYR A 39 -3.61 8.97 7.65
CA TYR A 39 -2.78 8.24 8.59
C TYR A 39 -3.26 8.54 10.01
N LEU A 40 -3.42 9.82 10.34
CA LEU A 40 -3.90 10.20 11.66
C LEU A 40 -5.22 9.50 11.97
N LEU A 41 -6.18 9.61 11.07
CA LEU A 41 -7.47 8.98 11.32
C LEU A 41 -7.29 7.50 11.54
N LYS A 42 -6.47 6.87 10.72
CA LYS A 42 -6.20 5.45 10.87
C LYS A 42 -5.61 5.09 12.25
N GLN A 43 -4.61 5.84 12.72
CA GLN A 43 -4.04 5.57 14.05
C GLN A 43 -5.05 5.80 15.17
N LEU A 44 -5.95 6.77 15.00
CA LEU A 44 -7.01 7.07 15.98
C LEU A 44 -7.97 5.93 16.15
N GLN A 45 -8.26 5.22 15.08
CA GLN A 45 -9.15 4.06 15.19
C GLN A 45 -8.42 2.87 15.74
N ASP A 46 -7.18 2.67 15.31
CA ASP A 46 -6.39 1.55 15.79
C ASP A 46 -6.16 1.70 17.27
N ILE A 47 -5.86 2.94 17.66
CA ILE A 47 -5.62 3.26 19.06
C ILE A 47 -6.90 3.13 19.85
N LYS A 48 -8.00 3.64 19.32
CA LYS A 48 -9.27 3.51 20.03
C LYS A 48 -9.65 2.03 20.20
N ALA A 49 -9.50 1.26 19.12
CA ALA A 49 -9.80 -0.16 19.15
C ALA A 49 -8.93 -0.92 20.12
N GLY A 50 -7.62 -0.70 20.05
CA GLY A 50 -6.73 -1.46 20.90
C GLY A 50 -6.58 -0.98 22.33
N SER A 51 -6.84 0.30 22.58
CA SER A 51 -6.64 0.89 23.92
C SER A 51 -7.89 1.00 24.76
N THR A 52 -8.97 0.41 24.28
CA THR A 52 -10.22 0.43 25.03
C THR A 52 -10.02 -0.49 26.24
N PRO A 53 -10.50 -0.07 27.41
CA PRO A 53 -10.38 -0.83 28.66
C PRO A 53 -10.42 -2.37 28.63
N GLY A 54 -11.45 -2.98 28.05
CA GLY A 54 -11.49 -4.43 28.01
C GLY A 54 -11.10 -5.00 26.66
N ALA A 55 -10.14 -4.35 25.98
CA ALA A 55 -9.73 -4.73 24.62
C ALA A 55 -9.06 -6.09 24.44
N PRO A 56 -9.38 -6.79 23.34
CA PRO A 56 -8.76 -8.09 23.10
C PRO A 56 -7.32 -7.91 22.57
N GLU A 57 -6.46 -8.89 22.90
CA GLU A 57 -5.04 -8.89 22.59
C GLU A 57 -4.66 -8.93 21.11
N GLY A 58 -3.88 -7.94 20.68
CA GLY A 58 -3.46 -7.91 19.28
C GLY A 58 -4.40 -7.16 18.36
N VAL A 59 -5.45 -6.59 18.93
CA VAL A 59 -6.38 -5.83 18.12
C VAL A 59 -5.92 -4.38 18.15
N GLY A 60 -5.97 -3.71 17.00
CA GLY A 60 -5.60 -2.30 16.93
C GLY A 60 -4.19 -2.01 17.41
N ARG A 61 -4.00 -0.84 18.01
CA ARG A 61 -2.69 -0.43 18.52
C ARG A 61 -2.93 -0.04 19.96
N LYS A 62 -2.30 -0.73 20.90
CA LYS A 62 -2.50 -0.36 22.30
C LYS A 62 -1.51 0.70 22.75
N VAL A 63 -2.06 1.82 23.20
CA VAL A 63 -1.29 2.94 23.70
C VAL A 63 -1.83 3.12 25.11
N LEU A 64 -1.07 2.68 26.09
CA LEU A 64 -1.47 2.79 27.49
C LEU A 64 -1.56 4.20 28.04
N GLU A 65 -0.89 5.15 27.40
CA GLU A 65 -0.94 6.55 27.84
C GLU A 65 -2.24 7.17 27.34
N MET A 66 -3.02 6.40 26.60
CA MET A 66 -4.26 6.87 26.00
C MET A 66 -5.47 5.95 26.25
N THR A 67 -5.36 5.03 27.20
CA THR A 67 -6.47 4.12 27.55
C THR A 67 -7.86 4.75 27.71
N GLY A 68 -8.84 4.21 27.01
CA GLY A 68 -10.20 4.71 27.10
C GLY A 68 -10.41 6.18 26.78
N MET A 69 -9.39 6.84 26.25
CA MET A 69 -9.49 8.26 25.96
C MET A 69 -10.29 8.60 24.69
N LEU A 70 -10.30 7.68 23.73
CA LEU A 70 -10.99 7.94 22.47
C LEU A 70 -12.35 7.27 22.40
N ASP A 71 -12.69 6.50 23.41
CA ASP A 71 -13.95 5.77 23.46
C ASP A 71 -15.28 6.56 23.30
N PRO A 72 -15.34 7.80 23.78
CA PRO A 72 -16.62 8.50 23.61
C PRO A 72 -16.70 9.32 22.34
N LEU A 73 -15.61 9.34 21.58
CA LEU A 73 -15.55 10.11 20.34
C LEU A 73 -16.09 9.23 19.21
N SER A 74 -16.86 9.82 18.30
CA SER A 74 -17.41 9.09 17.17
C SER A 74 -16.38 9.16 16.07
N ASP A 75 -16.61 8.41 15.01
CA ASP A 75 -15.67 8.40 13.90
C ASP A 75 -15.59 9.73 13.17
N GLN A 76 -16.67 10.50 13.22
CA GLN A 76 -16.67 11.82 12.64
C GLN A 76 -15.80 12.72 13.51
N ASP A 77 -15.88 12.53 14.82
CA ASP A 77 -15.07 13.30 15.77
C ASP A 77 -13.59 13.09 15.46
N LEU A 78 -13.21 11.82 15.31
CA LEU A 78 -11.85 11.43 14.95
C LEU A 78 -11.46 12.08 13.61
N GLU A 79 -12.39 12.16 12.68
CA GLU A 79 -12.06 12.81 11.42
C GLU A 79 -11.75 14.27 11.61
N ASP A 80 -12.53 14.95 12.45
CA ASP A 80 -12.29 16.36 12.67
C ASP A 80 -10.96 16.55 13.39
N ILE A 81 -10.66 15.64 14.31
CA ILE A 81 -9.40 15.70 15.05
C ILE A 81 -8.19 15.53 14.12
N ALA A 82 -8.28 14.57 13.21
CA ALA A 82 -7.21 14.31 12.23
C ALA A 82 -7.07 15.48 11.29
N ALA A 83 -8.20 16.07 10.90
CA ALA A 83 -8.17 17.23 10.03
C ALA A 83 -7.58 18.42 10.77
N TYR A 84 -7.78 18.48 12.09
CA TYR A 84 -7.23 19.56 12.91
C TYR A 84 -5.70 19.54 13.04
N PHE A 85 -5.14 18.41 13.43
CA PHE A 85 -3.68 18.28 13.57
C PHE A 85 -2.98 18.38 12.23
N SER A 86 -3.54 17.66 11.27
CA SER A 86 -3.03 17.63 9.91
C SER A 86 -2.87 19.01 9.33
N SER A 87 -3.70 19.96 9.76
CA SER A 87 -3.61 21.32 9.22
C SER A 87 -2.63 22.20 9.96
N GLN A 88 -2.09 21.68 11.06
CA GLN A 88 -1.10 22.42 11.84
C GLN A 88 0.26 22.30 11.13
N LYS A 89 1.10 23.31 11.28
CA LYS A 89 2.40 23.24 10.68
C LYS A 89 3.38 22.59 11.63
N GLY A 90 4.14 21.63 11.10
CA GLY A 90 5.09 20.92 11.93
C GLY A 90 6.40 21.66 12.20
N SER A 91 6.97 21.40 13.36
CA SER A 91 8.25 21.98 13.71
C SER A 91 9.31 21.02 13.19
N VAL A 92 10.48 21.55 12.85
CA VAL A 92 11.59 20.68 12.44
C VAL A 92 12.56 20.52 13.62
N GLY A 93 13.23 19.37 13.67
CA GLY A 93 14.19 19.12 14.71
C GLY A 93 15.58 19.19 14.16
N TYR A 94 16.53 18.67 14.92
CA TYR A 94 17.94 18.69 14.53
C TYR A 94 18.49 17.29 14.34
N ALA A 95 19.26 17.12 13.28
CA ALA A 95 19.87 15.82 13.06
C ALA A 95 21.33 16.00 13.44
N ASP A 96 21.81 15.10 14.29
CA ASP A 96 23.20 15.11 14.72
C ASP A 96 24.06 14.62 13.56
N PRO A 97 24.98 15.47 13.06
CA PRO A 97 25.88 15.13 11.94
C PRO A 97 26.62 13.83 12.17
N ALA A 98 26.88 13.55 13.44
CA ALA A 98 27.57 12.33 13.82
C ALA A 98 26.80 11.07 13.38
N LEU A 99 25.48 11.11 13.46
CA LEU A 99 24.62 9.98 13.11
C LEU A 99 23.94 10.11 11.77
N ALA A 100 23.58 11.34 11.41
CA ALA A 100 22.85 11.66 10.20
C ALA A 100 23.39 10.99 8.96
N LYS A 101 24.71 10.93 8.86
CA LYS A 101 25.36 10.33 7.71
C LYS A 101 24.99 8.86 7.49
N GLN A 102 24.92 8.06 8.55
CA GLN A 102 24.52 6.66 8.39
C GLN A 102 23.02 6.55 8.26
N GLY A 103 22.30 7.50 8.83
CA GLY A 103 20.85 7.50 8.71
C GLY A 103 20.45 7.80 7.28
N GLU A 104 21.05 8.80 6.68
CA GLU A 104 20.76 9.13 5.31
C GLU A 104 21.02 7.94 4.38
N LYS A 105 22.18 7.29 4.54
CA LYS A 105 22.54 6.11 3.76
C LYS A 105 21.45 5.03 3.88
N LEU A 106 21.03 4.73 5.10
CA LEU A 106 20.00 3.71 5.31
C LEU A 106 18.65 4.18 4.74
N PHE A 107 18.35 5.47 4.87
CA PHE A 107 17.06 6.02 4.44
C PHE A 107 16.91 5.96 2.93
N ARG A 108 17.97 6.34 2.21
CA ARG A 108 17.97 6.37 0.74
C ARG A 108 18.33 5.08 0.05
N GLY A 109 19.14 4.24 0.69
CA GLY A 109 19.55 3.00 0.05
C GLY A 109 19.05 1.73 0.69
N GLY A 110 18.56 1.83 1.91
CA GLY A 110 18.11 0.63 2.59
C GLY A 110 19.30 -0.27 2.76
N LYS A 111 19.08 -1.58 2.77
CA LYS A 111 20.13 -2.58 2.88
C LYS A 111 19.89 -3.64 1.81
N LEU A 112 20.28 -3.35 0.58
CA LEU A 112 20.08 -4.29 -0.52
C LEU A 112 20.48 -5.73 -0.21
N ASP A 113 21.62 -5.91 0.45
CA ASP A 113 22.11 -7.23 0.84
C ASP A 113 21.19 -7.98 1.78
N GLN A 114 20.39 -7.25 2.52
CA GLN A 114 19.44 -7.85 3.44
C GLN A 114 18.11 -7.92 2.73
N GLY A 115 18.02 -7.27 1.59
CA GLY A 115 16.74 -7.21 0.94
C GLY A 115 15.81 -6.29 1.74
N MET A 116 16.39 -5.24 2.32
CA MET A 116 15.58 -4.26 3.04
C MET A 116 15.51 -3.07 2.11
N PRO A 117 14.29 -2.65 1.73
CA PRO A 117 14.19 -1.49 0.84
C PRO A 117 14.51 -0.17 1.54
N ALA A 118 14.78 0.86 0.75
CA ALA A 118 15.01 2.20 1.25
C ALA A 118 13.65 2.70 1.75
N CYS A 119 13.67 3.81 2.46
CA CYS A 119 12.44 4.35 3.03
C CYS A 119 11.79 5.37 2.11
N THR A 120 12.57 5.84 1.15
CA THR A 120 12.13 6.88 0.23
C THR A 120 10.95 6.53 -0.68
N GLY A 121 10.81 5.25 -1.03
CA GLY A 121 9.72 4.83 -1.88
C GLY A 121 8.36 5.11 -1.29
N CYS A 122 8.22 4.83 0.00
CA CYS A 122 6.95 5.04 0.68
C CYS A 122 6.87 6.29 1.54
N HIS A 123 8.00 6.77 2.06
CA HIS A 123 7.97 7.92 2.92
C HIS A 123 8.48 9.16 2.27
N ALA A 124 8.74 9.06 0.97
CA ALA A 124 9.24 10.16 0.17
C ALA A 124 10.63 10.62 0.53
N PRO A 125 11.37 11.12 -0.48
CA PRO A 125 12.73 11.61 -0.31
C PRO A 125 12.96 12.48 0.94
N ASN A 126 12.03 13.37 1.21
CA ASN A 126 12.17 14.31 2.32
C ASN A 126 11.25 13.93 3.47
N GLY A 127 10.90 12.66 3.53
CA GLY A 127 10.08 12.17 4.61
C GLY A 127 8.71 12.79 4.78
N VAL A 128 8.13 13.39 3.75
CA VAL A 128 6.79 13.96 3.91
C VAL A 128 5.66 12.95 3.83
N GLY A 129 6.00 11.71 3.51
CA GLY A 129 5.00 10.66 3.40
C GLY A 129 4.13 10.73 2.15
N ASN A 130 3.13 9.86 2.08
CA ASN A 130 2.21 9.80 0.96
C ASN A 130 0.83 9.73 1.62
N ASP A 131 0.17 10.89 1.70
CA ASP A 131 -1.12 11.04 2.36
C ASP A 131 -2.22 10.15 1.78
N LEU A 132 -2.37 10.20 0.46
CA LEU A 132 -3.41 9.44 -0.23
C LEU A 132 -3.22 7.96 -0.05
N ALA A 133 -1.97 7.51 0.02
CA ALA A 133 -1.72 6.09 0.24
C ALA A 133 -1.71 5.77 1.73
N GLY A 134 -1.58 6.78 2.56
CA GLY A 134 -1.56 6.56 4.00
C GLY A 134 -0.20 6.22 4.57
N PHE A 135 0.85 6.63 3.87
CA PHE A 135 2.20 6.41 4.35
C PHE A 135 2.51 7.67 5.10
N PRO A 136 2.75 7.55 6.41
CA PRO A 136 3.06 8.65 7.33
C PRO A 136 4.24 9.56 7.00
N LYS A 137 4.03 10.84 7.24
CA LYS A 137 5.09 11.82 7.20
C LYS A 137 5.99 11.43 8.35
N LEU A 138 7.29 11.50 8.09
CA LEU A 138 8.27 11.10 9.08
C LEU A 138 9.19 12.24 9.48
N GLY A 139 9.48 13.14 8.55
CA GLY A 139 10.42 14.22 8.81
C GLY A 139 10.14 15.11 10.01
N GLY A 140 11.16 15.38 10.82
CA GLY A 140 10.97 16.26 11.96
C GLY A 140 10.38 15.62 13.21
N GLN A 141 10.10 14.33 13.17
CA GLN A 141 9.55 13.62 14.31
C GLN A 141 10.65 13.44 15.36
N HIS A 142 10.26 13.39 16.64
CA HIS A 142 11.20 13.18 17.73
C HIS A 142 11.88 11.86 17.57
N ALA A 143 13.20 11.86 17.68
CA ALA A 143 13.99 10.67 17.45
C ALA A 143 13.65 9.55 18.39
N ALA A 144 13.42 9.89 19.64
CA ALA A 144 13.11 8.87 20.61
C ALA A 144 11.79 8.20 20.23
N TYR A 145 10.86 8.93 19.64
CA TYR A 145 9.59 8.32 19.30
C TYR A 145 9.79 7.43 18.09
N THR A 146 10.48 7.95 17.08
CA THR A 146 10.76 7.17 15.88
C THR A 146 11.56 5.90 16.21
N ALA A 147 12.56 6.05 17.08
CA ALA A 147 13.37 4.90 17.45
C ALA A 147 12.48 3.84 18.06
N LYS A 148 11.56 4.26 18.94
CA LYS A 148 10.66 3.31 19.60
C LYS A 148 9.75 2.56 18.63
N GLN A 149 9.22 3.26 17.63
CA GLN A 149 8.32 2.64 16.65
C GLN A 149 9.05 1.58 15.86
N LEU A 150 10.21 1.95 15.33
CA LEU A 150 11.10 1.04 14.60
C LEU A 150 11.43 -0.20 15.42
N THR A 151 11.72 -0.02 16.70
CA THR A 151 12.03 -1.13 17.59
C THR A 151 10.80 -1.99 17.80
N ASP A 152 9.65 -1.35 17.98
CA ASP A 152 8.38 -2.02 18.21
C ASP A 152 7.96 -2.84 17.03
N PHE A 153 8.14 -2.28 15.84
CA PHE A 153 7.79 -3.00 14.62
C PHE A 153 8.65 -4.26 14.55
N ARG A 154 9.94 -4.10 14.89
CA ARG A 154 10.90 -5.18 14.83
C ARG A 154 10.59 -6.31 15.85
N GLU A 155 10.28 -5.93 17.09
CA GLU A 155 9.99 -6.90 18.14
C GLU A 155 8.56 -7.40 18.00
N GLY A 156 7.86 -6.89 17.01
CA GLY A 156 6.46 -7.30 16.81
C GLY A 156 5.52 -6.70 17.85
N ASN A 157 5.94 -5.65 18.55
CA ASN A 157 5.10 -5.00 19.54
C ASN A 157 4.06 -4.08 18.87
N ARG A 158 4.32 -3.62 17.65
CA ARG A 158 3.33 -2.83 16.94
C ARG A 158 2.95 -3.67 15.73
N THR A 159 1.65 -3.91 15.57
CA THR A 159 1.17 -4.79 14.51
C THR A 159 0.06 -4.21 13.63
N ASN A 160 -0.23 -2.93 13.76
CA ASN A 160 -1.27 -2.32 12.96
C ASN A 160 -0.85 -1.92 11.54
N ASP A 161 0.19 -2.58 11.01
CA ASP A 161 0.69 -2.26 9.67
C ASP A 161 0.17 -3.22 8.61
N GLY A 162 -0.80 -4.04 9.00
CA GLY A 162 -1.46 -4.92 8.05
C GLY A 162 -0.97 -6.32 7.82
N ASP A 163 -1.59 -6.96 6.83
CA ASP A 163 -1.32 -8.35 6.46
C ASP A 163 -0.03 -8.49 5.71
N THR A 164 0.34 -7.46 4.96
CA THR A 164 1.63 -7.43 4.30
C THR A 164 2.70 -7.22 5.37
N MET A 165 2.26 -6.69 6.52
CA MET A 165 3.14 -6.32 7.61
C MET A 165 4.36 -5.60 7.07
N ILE A 166 4.10 -4.56 6.29
CA ILE A 166 5.09 -3.71 5.65
C ILE A 166 6.22 -3.21 6.55
N MET A 167 5.89 -2.68 7.72
CA MET A 167 6.93 -2.15 8.58
C MET A 167 7.62 -3.20 9.43
N ARG A 168 6.92 -4.27 9.80
CA ARG A 168 7.57 -5.32 10.59
C ARG A 168 8.65 -6.07 9.78
N GLY A 169 8.44 -6.18 8.47
CA GLY A 169 9.39 -6.86 7.60
C GLY A 169 10.57 -5.98 7.26
N VAL A 170 10.34 -4.68 7.20
CA VAL A 170 11.39 -3.69 6.95
C VAL A 170 12.22 -3.55 8.24
N ALA A 171 11.54 -3.29 9.35
CA ALA A 171 12.22 -3.11 10.62
C ALA A 171 13.00 -4.33 11.08
N ALA A 172 12.56 -5.51 10.68
CA ALA A 172 13.22 -6.75 11.11
C ALA A 172 14.69 -6.87 10.71
N LYS A 173 15.12 -6.12 9.69
CA LYS A 173 16.51 -6.08 9.26
C LYS A 173 17.33 -4.91 9.84
N LEU A 174 16.73 -4.14 10.74
CA LEU A 174 17.41 -3.02 11.38
C LEU A 174 18.09 -3.40 12.71
N SER A 175 19.26 -2.83 12.93
CA SER A 175 19.97 -3.05 14.17
C SER A 175 19.70 -1.85 15.04
N ASN A 176 20.08 -1.92 16.32
CA ASN A 176 19.91 -0.80 17.22
C ASN A 176 20.63 0.43 16.74
N LYS A 177 21.82 0.25 16.15
CA LYS A 177 22.62 1.36 15.61
C LYS A 177 21.93 1.91 14.38
N ASP A 178 21.35 1.02 13.58
CA ASP A 178 20.64 1.42 12.38
C ASP A 178 19.51 2.35 12.79
N ILE A 179 18.69 1.87 13.72
CA ILE A 179 17.54 2.57 14.23
C ILE A 179 17.94 3.93 14.83
N GLU A 180 19.05 3.94 15.55
CA GLU A 180 19.54 5.16 16.16
C GLU A 180 19.97 6.14 15.08
N ALA A 181 20.68 5.64 14.08
CA ALA A 181 21.12 6.50 12.99
C ALA A 181 19.93 7.03 12.17
N LEU A 182 18.96 6.16 11.92
CA LEU A 182 17.75 6.51 11.17
C LEU A 182 16.88 7.53 11.90
N SER A 183 16.57 7.24 13.15
CA SER A 183 15.73 8.12 13.96
C SER A 183 16.33 9.53 14.06
N SER A 184 17.66 9.62 14.13
CA SER A 184 18.33 10.91 14.23
C SER A 184 18.26 11.69 12.92
N TYR A 185 18.50 11.01 11.80
CA TYR A 185 18.43 11.64 10.48
C TYR A 185 17.02 12.14 10.13
N ILE A 186 16.01 11.34 10.43
CA ILE A 186 14.61 11.67 10.19
C ILE A 186 14.13 12.89 11.01
N GLN A 187 14.74 13.09 12.17
CA GLN A 187 14.39 14.21 13.02
C GLN A 187 14.76 15.57 12.45
N GLY A 188 15.74 15.59 11.57
CA GLY A 188 16.15 16.85 10.96
C GLY A 188 15.76 16.89 9.51
N LEU A 189 15.05 15.86 9.07
CA LEU A 189 14.61 15.76 7.70
C LEU A 189 13.44 16.72 7.52
N HIS A 190 13.48 17.49 6.45
CA HIS A 190 12.41 18.42 6.19
C HIS A 190 12.20 18.68 4.71
N ALA B 1 16.08 -6.42 -23.69
CA ALA B 1 15.50 -7.67 -23.16
C ALA B 1 15.93 -7.82 -21.68
N GLY B 2 15.19 -8.62 -20.90
CA GLY B 2 15.54 -8.72 -19.48
C GLY B 2 15.63 -10.12 -18.95
N ASP B 3 16.21 -10.26 -17.76
CA ASP B 3 16.36 -11.56 -17.16
C ASP B 3 16.01 -11.53 -15.67
N ALA B 4 15.40 -12.62 -15.24
CA ALA B 4 14.99 -12.85 -13.85
C ALA B 4 16.14 -12.59 -12.87
N GLU B 5 17.31 -13.17 -13.17
CA GLU B 5 18.51 -13.00 -12.34
C GLU B 5 18.81 -11.54 -12.00
N ALA B 6 18.67 -10.64 -12.97
CA ALA B 6 18.92 -9.22 -12.75
C ALA B 6 17.76 -8.46 -12.08
N GLY B 7 16.52 -8.77 -12.46
CA GLY B 7 15.39 -8.09 -11.83
C GLY B 7 15.33 -8.48 -10.37
N GLN B 8 15.89 -9.65 -10.08
CA GLN B 8 15.95 -10.25 -8.75
C GLN B 8 16.41 -9.31 -7.68
N GLY B 9 17.17 -8.31 -8.09
CA GLY B 9 17.74 -7.36 -7.16
C GLY B 9 17.26 -5.94 -7.28
N LYS B 10 16.12 -5.74 -7.94
CA LYS B 10 15.57 -4.39 -8.08
C LYS B 10 14.14 -4.41 -7.59
N VAL B 11 13.82 -5.43 -6.80
CA VAL B 11 12.46 -5.63 -6.32
C VAL B 11 12.27 -5.69 -4.81
N ALA B 12 13.20 -5.13 -4.05
CA ALA B 12 13.09 -5.18 -2.60
C ALA B 12 11.88 -4.38 -2.06
N VAL B 13 11.67 -3.17 -2.55
CA VAL B 13 10.51 -2.40 -2.09
C VAL B 13 9.23 -3.08 -2.59
N CYS B 14 9.30 -3.66 -3.78
CA CYS B 14 8.16 -4.34 -4.38
C CYS B 14 7.71 -5.49 -3.47
N GLY B 15 8.67 -6.27 -2.98
CA GLY B 15 8.34 -7.42 -2.15
C GLY B 15 7.59 -7.09 -0.86
N ALA B 16 7.70 -5.84 -0.42
CA ALA B 16 7.04 -5.40 0.80
C ALA B 16 5.50 -5.47 0.65
N CYS B 17 5.00 -5.37 -0.59
CA CYS B 17 3.57 -5.46 -0.84
C CYS B 17 3.16 -6.69 -1.65
N HIS B 18 3.88 -6.95 -2.73
CA HIS B 18 3.56 -8.05 -3.61
C HIS B 18 4.18 -9.40 -3.24
N GLY B 19 4.80 -9.49 -2.08
CA GLY B 19 5.47 -10.74 -1.74
C GLY B 19 6.80 -10.73 -2.45
N VAL B 20 7.78 -11.44 -1.87
CA VAL B 20 9.12 -11.46 -2.43
C VAL B 20 9.21 -12.12 -3.82
N ASP B 21 8.44 -13.18 -4.02
CA ASP B 21 8.41 -13.89 -5.30
C ASP B 21 7.35 -13.29 -6.22
N GLY B 22 6.42 -12.54 -5.63
CA GLY B 22 5.34 -11.99 -6.42
C GLY B 22 4.01 -12.52 -5.96
N ASN B 23 4.00 -13.46 -5.02
CA ASN B 23 2.74 -13.97 -4.49
C ASN B 23 2.34 -13.17 -3.26
N SER B 24 1.58 -12.10 -3.50
CA SER B 24 1.10 -11.23 -2.45
C SER B 24 0.28 -11.97 -1.41
N PRO B 25 0.51 -11.70 -0.12
CA PRO B 25 -0.20 -12.31 1.02
C PRO B 25 -1.45 -11.55 1.43
N ALA B 26 -1.62 -10.34 0.90
CA ALA B 26 -2.78 -9.54 1.23
C ALA B 26 -3.66 -9.48 -0.03
N PRO B 27 -4.98 -9.68 0.12
CA PRO B 27 -5.99 -9.67 -0.95
C PRO B 27 -6.02 -8.42 -1.82
N ASN B 28 -5.59 -7.30 -1.27
CA ASN B 28 -5.64 -6.03 -1.99
C ASN B 28 -4.49 -5.77 -2.99
N PHE B 29 -3.36 -6.44 -2.79
CA PHE B 29 -2.21 -6.27 -3.67
C PHE B 29 -2.18 -7.49 -4.59
N PRO B 30 -2.12 -7.24 -5.91
CA PRO B 30 -2.10 -8.34 -6.86
C PRO B 30 -0.85 -9.20 -6.83
N LYS B 31 -1.05 -10.49 -7.05
CA LYS B 31 0.04 -11.42 -7.22
C LYS B 31 0.60 -11.08 -8.60
N LEU B 32 1.92 -11.15 -8.74
CA LEU B 32 2.62 -10.86 -9.99
C LEU B 32 3.35 -12.10 -10.46
N ALA B 33 3.39 -13.13 -9.62
CA ALA B 33 4.15 -14.34 -9.91
C ALA B 33 3.49 -15.16 -10.98
N GLY B 34 4.20 -15.34 -12.09
CA GLY B 34 3.67 -16.17 -13.15
C GLY B 34 2.80 -15.39 -14.11
N GLN B 35 2.78 -14.07 -13.95
CA GLN B 35 2.03 -13.22 -14.84
C GLN B 35 2.81 -13.14 -16.14
N GLY B 36 2.12 -13.00 -17.26
CA GLY B 36 2.79 -12.90 -18.53
C GLY B 36 3.77 -11.75 -18.47
N GLU B 37 4.97 -11.96 -19.00
CA GLU B 37 6.01 -10.94 -18.96
C GLU B 37 5.72 -9.70 -19.78
N ARG B 38 5.02 -9.88 -20.90
CA ARG B 38 4.63 -8.75 -21.76
C ARG B 38 3.57 -7.86 -21.10
N TYR B 39 2.63 -8.49 -20.40
CA TYR B 39 1.60 -7.77 -19.64
C TYR B 39 2.23 -7.01 -18.46
N LEU B 40 3.11 -7.68 -17.71
CA LEU B 40 3.79 -7.04 -16.59
C LEU B 40 4.54 -5.80 -17.03
N LEU B 41 5.33 -5.93 -18.08
CA LEU B 41 6.07 -4.77 -18.55
C LEU B 41 5.14 -3.63 -18.96
N LYS B 42 4.02 -3.99 -19.61
CA LYS B 42 3.02 -2.99 -20.03
C LYS B 42 2.43 -2.23 -18.84
N GLN B 43 2.01 -2.97 -17.81
CA GLN B 43 1.44 -2.31 -16.65
C GLN B 43 2.47 -1.43 -15.98
N LEU B 44 3.73 -1.84 -16.01
CA LEU B 44 4.80 -1.07 -15.40
C LEU B 44 4.99 0.27 -16.09
N GLN B 45 4.90 0.29 -17.41
CA GLN B 45 5.01 1.55 -18.17
C GLN B 45 3.81 2.44 -17.84
N ASP B 46 2.62 1.83 -17.85
CA ASP B 46 1.37 2.53 -17.57
C ASP B 46 1.40 3.10 -16.16
N ILE B 47 1.59 2.22 -15.19
CA ILE B 47 1.63 2.67 -13.81
C ILE B 47 2.72 3.72 -13.63
N LYS B 48 3.86 3.53 -14.30
CA LYS B 48 4.94 4.49 -14.19
C LYS B 48 4.49 5.86 -14.67
N ALA B 49 3.74 5.87 -15.77
CA ALA B 49 3.27 7.11 -16.36
C ALA B 49 2.11 7.76 -15.58
N GLY B 50 1.17 6.96 -15.12
CA GLY B 50 0.05 7.55 -14.42
C GLY B 50 0.32 7.80 -12.95
N SER B 51 1.38 7.22 -12.41
CA SER B 51 1.70 7.37 -10.97
C SER B 51 2.82 8.36 -10.59
N THR B 52 3.65 8.77 -11.56
CA THR B 52 4.69 9.76 -11.29
C THR B 52 4.00 10.98 -10.64
N PRO B 53 4.64 11.56 -9.61
CA PRO B 53 4.15 12.72 -8.84
C PRO B 53 3.35 13.80 -9.56
N GLY B 54 3.87 14.36 -10.66
CA GLY B 54 3.11 15.40 -11.32
C GLY B 54 2.36 14.99 -12.58
N ALA B 55 1.60 13.90 -12.52
CA ALA B 55 0.93 13.40 -13.72
C ALA B 55 -0.53 13.79 -13.90
N PRO B 56 -0.90 14.13 -15.15
CA PRO B 56 -2.28 14.52 -15.48
C PRO B 56 -3.19 13.28 -15.50
N GLU B 57 -4.41 13.44 -15.03
CA GLU B 57 -5.38 12.35 -14.96
C GLU B 57 -5.66 11.79 -16.34
N GLY B 58 -6.11 10.54 -16.39
CA GLY B 58 -6.37 9.93 -17.69
C GLY B 58 -5.10 9.41 -18.35
N VAL B 59 -3.94 9.69 -17.75
CA VAL B 59 -2.70 9.17 -18.31
C VAL B 59 -2.40 7.83 -17.66
N GLY B 60 -1.87 6.90 -18.47
CA GLY B 60 -1.50 5.58 -18.00
C GLY B 60 -2.44 4.96 -16.99
N ARG B 61 -1.85 4.44 -15.93
CA ARG B 61 -2.63 3.82 -14.87
C ARG B 61 -2.15 4.39 -13.54
N LYS B 62 -3.05 5.05 -12.82
CA LYS B 62 -2.70 5.65 -11.55
C LYS B 62 -2.87 4.71 -10.36
N VAL B 63 -1.76 4.39 -9.71
CA VAL B 63 -1.79 3.58 -8.52
C VAL B 63 -1.17 4.40 -7.38
N LEU B 64 -2.03 4.93 -6.52
CA LEU B 64 -1.65 5.77 -5.39
C LEU B 64 -0.57 5.16 -4.51
N GLU B 65 -0.73 3.87 -4.22
CA GLU B 65 0.22 3.15 -3.38
C GLU B 65 1.58 3.02 -4.00
N MET B 66 1.69 3.25 -5.31
CA MET B 66 2.96 3.11 -5.99
C MET B 66 3.56 4.40 -6.52
N THR B 67 3.00 5.54 -6.13
CA THR B 67 3.47 6.85 -6.61
C THR B 67 5.01 7.01 -6.62
N GLY B 68 5.54 7.55 -7.72
CA GLY B 68 6.97 7.78 -7.81
C GLY B 68 7.87 6.55 -7.85
N MET B 69 7.49 5.47 -7.18
CA MET B 69 8.34 4.28 -7.11
C MET B 69 9.11 3.90 -8.38
N LEU B 70 8.42 3.94 -9.52
CA LEU B 70 8.99 3.50 -10.77
C LEU B 70 9.87 4.49 -11.48
N ASP B 71 9.68 5.78 -11.22
CA ASP B 71 10.45 6.82 -11.90
C ASP B 71 11.98 6.60 -11.90
N PRO B 72 12.62 6.53 -10.72
CA PRO B 72 14.06 6.32 -10.77
C PRO B 72 14.42 5.00 -11.47
N LEU B 73 13.43 4.13 -11.63
CA LEU B 73 13.67 2.86 -12.32
C LEU B 73 13.86 3.20 -13.78
N SER B 74 14.28 2.22 -14.56
CA SER B 74 14.52 2.49 -15.95
C SER B 74 14.02 1.37 -16.82
N ASP B 75 13.88 1.64 -18.11
CA ASP B 75 13.30 0.69 -19.04
C ASP B 75 13.86 -0.73 -18.97
N GLN B 76 15.18 -0.86 -18.86
CA GLN B 76 15.77 -2.20 -18.80
C GLN B 76 15.50 -2.78 -17.41
N ASP B 77 15.40 -1.90 -16.42
CA ASP B 77 15.05 -2.31 -15.04
C ASP B 77 13.63 -2.89 -15.04
N LEU B 78 12.70 -2.14 -15.64
CA LEU B 78 11.32 -2.58 -15.79
C LEU B 78 11.31 -3.92 -16.48
N GLU B 79 12.07 -4.02 -17.56
CA GLU B 79 12.19 -5.25 -18.30
C GLU B 79 12.72 -6.37 -17.39
N ASP B 80 13.70 -6.05 -16.55
CA ASP B 80 14.28 -7.03 -15.64
C ASP B 80 13.32 -7.44 -14.54
N ILE B 81 12.57 -6.47 -14.03
CA ILE B 81 11.59 -6.72 -12.99
C ILE B 81 10.46 -7.62 -13.53
N ALA B 82 9.95 -7.26 -14.72
CA ALA B 82 8.90 -8.02 -15.41
C ALA B 82 9.30 -9.47 -15.65
N ALA B 83 10.48 -9.66 -16.24
CA ALA B 83 11.03 -11.00 -16.48
C ALA B 83 11.16 -11.76 -15.17
N TYR B 84 11.59 -11.06 -14.13
CA TYR B 84 11.75 -11.69 -12.82
C TYR B 84 10.45 -12.28 -12.27
N PHE B 85 9.45 -11.43 -12.06
CA PHE B 85 8.16 -11.89 -11.50
C PHE B 85 7.51 -12.92 -12.41
N SER B 86 7.71 -12.72 -13.70
CA SER B 86 7.24 -13.60 -14.77
C SER B 86 7.73 -15.05 -14.60
N SER B 87 8.93 -15.23 -14.02
CA SER B 87 9.49 -16.57 -13.84
C SER B 87 9.19 -17.27 -12.54
N GLN B 88 8.29 -16.73 -11.74
CA GLN B 88 7.96 -17.37 -10.47
C GLN B 88 6.73 -18.25 -10.64
N LYS B 89 6.61 -19.29 -9.85
CA LYS B 89 5.42 -20.11 -9.93
C LYS B 89 4.37 -19.37 -9.09
N GLY B 90 3.32 -18.91 -9.76
CA GLY B 90 2.25 -18.21 -9.06
C GLY B 90 1.55 -19.18 -8.16
N SER B 91 0.86 -18.67 -7.16
CA SER B 91 0.12 -19.53 -6.25
C SER B 91 -1.31 -19.54 -6.76
N VAL B 92 -2.14 -20.33 -6.10
CA VAL B 92 -3.55 -20.39 -6.44
C VAL B 92 -4.32 -20.41 -5.12
N GLY B 93 -5.61 -20.09 -5.17
CA GLY B 93 -6.40 -20.04 -3.96
C GLY B 93 -7.62 -20.90 -4.10
N TYR B 94 -8.59 -20.66 -3.22
CA TYR B 94 -9.83 -21.43 -3.23
C TYR B 94 -11.08 -20.59 -3.39
N ALA B 95 -11.86 -20.99 -4.37
CA ALA B 95 -13.10 -20.32 -4.69
C ALA B 95 -14.17 -20.86 -3.82
N ASP B 96 -15.00 -19.97 -3.30
CA ASP B 96 -16.16 -20.36 -2.51
C ASP B 96 -17.01 -21.14 -3.51
N PRO B 97 -17.41 -22.38 -3.17
CA PRO B 97 -18.22 -23.25 -4.03
C PRO B 97 -19.50 -22.61 -4.55
N ALA B 98 -20.28 -21.99 -3.67
CA ALA B 98 -21.51 -21.29 -4.07
C ALA B 98 -21.26 -20.25 -5.17
N LEU B 99 -20.32 -19.35 -4.95
CA LEU B 99 -20.01 -18.34 -5.95
C LEU B 99 -19.32 -18.93 -7.17
N ALA B 100 -18.55 -19.98 -6.95
CA ALA B 100 -17.80 -20.58 -8.03
C ALA B 100 -18.66 -21.07 -9.18
N LYS B 101 -19.86 -21.56 -8.88
CA LYS B 101 -20.73 -22.07 -9.95
C LYS B 101 -21.27 -20.93 -10.79
N GLN B 102 -21.67 -19.86 -10.14
CA GLN B 102 -22.16 -18.69 -10.85
C GLN B 102 -21.05 -18.06 -11.69
N GLY B 103 -19.85 -17.94 -11.10
CA GLY B 103 -18.70 -17.38 -11.79
C GLY B 103 -18.14 -18.29 -12.86
N GLU B 104 -18.27 -19.59 -12.66
CA GLU B 104 -17.81 -20.55 -13.64
C GLU B 104 -18.67 -20.40 -14.90
N LYS B 105 -19.97 -20.25 -14.70
CA LYS B 105 -20.87 -20.05 -15.83
C LYS B 105 -20.56 -18.79 -16.60
N LEU B 106 -20.37 -17.67 -15.91
CA LEU B 106 -20.07 -16.43 -16.59
C LEU B 106 -18.75 -16.46 -17.31
N PHE B 107 -17.77 -17.10 -16.67
CA PHE B 107 -16.44 -17.21 -17.25
C PHE B 107 -16.43 -18.03 -18.55
N ARG B 108 -17.09 -19.19 -18.56
CA ARG B 108 -17.10 -20.03 -19.74
C ARG B 108 -18.16 -19.60 -20.76
N GLY B 109 -19.26 -19.03 -20.27
CA GLY B 109 -20.36 -18.65 -21.15
C GLY B 109 -20.54 -17.18 -21.51
N GLY B 110 -20.16 -16.27 -20.62
CA GLY B 110 -20.35 -14.87 -20.92
C GLY B 110 -21.82 -14.51 -20.86
N LYS B 111 -22.24 -13.53 -21.66
CA LYS B 111 -23.63 -13.09 -21.70
C LYS B 111 -24.00 -12.70 -23.13
N LEU B 112 -24.22 -13.72 -23.96
CA LEU B 112 -24.47 -13.49 -25.37
C LEU B 112 -25.63 -12.58 -25.66
N ASP B 113 -26.72 -12.72 -24.92
CA ASP B 113 -27.88 -11.86 -25.16
C ASP B 113 -27.57 -10.38 -24.93
N GLN B 114 -26.55 -10.09 -24.12
CA GLN B 114 -26.15 -8.70 -23.87
C GLN B 114 -24.97 -8.32 -24.73
N GLY B 115 -24.53 -9.24 -25.58
CA GLY B 115 -23.39 -8.98 -26.42
C GLY B 115 -22.04 -9.01 -25.70
N MET B 116 -21.94 -9.78 -24.61
CA MET B 116 -20.68 -9.89 -23.87
C MET B 116 -20.07 -11.26 -24.05
N PRO B 117 -18.84 -11.31 -24.59
CA PRO B 117 -18.14 -12.57 -24.80
C PRO B 117 -17.62 -13.21 -23.51
N ALA B 118 -17.51 -14.54 -23.53
CA ALA B 118 -16.98 -15.30 -22.43
C ALA B 118 -15.53 -14.84 -22.25
N CYS B 119 -14.99 -15.14 -21.10
CA CYS B 119 -13.65 -14.70 -20.75
C CYS B 119 -12.60 -15.67 -21.22
N THR B 120 -12.99 -16.91 -21.45
CA THR B 120 -12.05 -17.97 -21.83
C THR B 120 -11.25 -17.73 -23.12
N GLY B 121 -11.87 -17.14 -24.13
CA GLY B 121 -11.17 -16.93 -25.39
C GLY B 121 -9.94 -16.04 -25.35
N CYS B 122 -9.84 -15.21 -24.32
CA CYS B 122 -8.71 -14.30 -24.17
C CYS B 122 -7.82 -14.62 -22.98
N HIS B 123 -8.43 -15.16 -21.92
CA HIS B 123 -7.72 -15.47 -20.68
C HIS B 123 -7.53 -16.95 -20.46
N ALA B 124 -7.94 -17.75 -21.43
CA ALA B 124 -7.81 -19.21 -21.41
C ALA B 124 -8.84 -19.88 -20.49
N PRO B 125 -9.20 -21.13 -20.81
CA PRO B 125 -10.19 -21.87 -20.01
C PRO B 125 -9.79 -22.09 -18.57
N ASN B 126 -8.50 -22.02 -18.29
CA ASN B 126 -7.99 -22.19 -16.93
C ASN B 126 -7.20 -20.96 -16.53
N GLY B 127 -7.57 -19.84 -17.15
CA GLY B 127 -7.01 -18.54 -16.84
C GLY B 127 -5.54 -18.23 -17.04
N VAL B 128 -4.78 -19.08 -17.70
CA VAL B 128 -3.35 -18.81 -17.85
C VAL B 128 -3.05 -17.56 -18.65
N GLY B 129 -4.07 -17.02 -19.32
CA GLY B 129 -3.86 -15.83 -20.11
C GLY B 129 -3.27 -16.12 -21.48
N ASN B 130 -2.85 -15.08 -22.19
CA ASN B 130 -2.27 -15.24 -23.51
C ASN B 130 -1.14 -14.24 -23.72
N ASP B 131 0.09 -14.74 -23.57
CA ASP B 131 1.31 -13.96 -23.73
C ASP B 131 1.34 -12.98 -24.86
N LEU B 132 1.52 -13.55 -26.05
CA LEU B 132 1.64 -12.86 -27.32
C LEU B 132 0.59 -11.80 -27.55
N ALA B 133 -0.67 -12.17 -27.28
CA ALA B 133 -1.82 -11.32 -27.47
C ALA B 133 -1.93 -10.27 -26.39
N GLY B 134 -1.18 -10.49 -25.30
CA GLY B 134 -1.15 -9.55 -24.19
C GLY B 134 -2.38 -9.58 -23.32
N PHE B 135 -2.92 -10.76 -23.09
CA PHE B 135 -4.09 -10.96 -22.28
C PHE B 135 -3.55 -11.52 -20.98
N PRO B 136 -3.68 -10.76 -19.87
CA PRO B 136 -3.17 -11.23 -18.58
C PRO B 136 -3.66 -12.54 -18.03
N LYS B 137 -2.75 -13.20 -17.31
CA LYS B 137 -3.05 -14.41 -16.59
C LYS B 137 -3.97 -13.92 -15.47
N LEU B 138 -4.99 -14.70 -15.13
CA LEU B 138 -5.94 -14.28 -14.10
C LEU B 138 -6.09 -15.30 -12.98
N GLY B 139 -5.91 -16.57 -13.31
CA GLY B 139 -6.14 -17.61 -12.32
C GLY B 139 -5.28 -17.55 -11.08
N GLY B 140 -5.90 -17.82 -9.93
CA GLY B 140 -5.18 -17.81 -8.69
C GLY B 140 -5.06 -16.42 -8.11
N GLN B 141 -5.44 -15.41 -8.89
CA GLN B 141 -5.38 -14.03 -8.40
C GLN B 141 -6.37 -13.78 -7.25
N HIS B 142 -6.03 -12.85 -6.36
CA HIS B 142 -6.89 -12.51 -5.23
C HIS B 142 -8.21 -11.95 -5.70
N ALA B 143 -9.29 -12.55 -5.23
CA ALA B 143 -10.64 -12.18 -5.58
C ALA B 143 -10.85 -10.71 -5.43
N ALA B 144 -10.38 -10.17 -4.32
CA ALA B 144 -10.52 -8.74 -3.99
C ALA B 144 -9.89 -7.81 -5.02
N TYR B 145 -8.72 -8.19 -5.51
CA TYR B 145 -8.05 -7.38 -6.49
C TYR B 145 -8.82 -7.46 -7.82
N THR B 146 -9.19 -8.68 -8.21
CA THR B 146 -9.89 -8.93 -9.46
C THR B 146 -11.20 -8.17 -9.53
N ALA B 147 -11.93 -8.16 -8.43
CA ALA B 147 -13.21 -7.46 -8.33
C ALA B 147 -13.01 -5.97 -8.49
N LYS B 148 -11.99 -5.43 -7.87
CA LYS B 148 -11.75 -4.03 -8.01
C LYS B 148 -11.41 -3.66 -9.46
N GLN B 149 -10.70 -4.54 -10.18
CA GLN B 149 -10.34 -4.27 -11.58
C GLN B 149 -11.58 -4.30 -12.47
N LEU B 150 -12.43 -5.30 -12.26
CA LEU B 150 -13.67 -5.40 -13.02
C LEU B 150 -14.55 -4.18 -12.74
N THR B 151 -14.64 -3.79 -11.48
CA THR B 151 -15.41 -2.61 -11.09
C THR B 151 -14.82 -1.35 -11.72
N ASP B 152 -13.50 -1.16 -11.60
CA ASP B 152 -12.82 0.00 -12.18
C ASP B 152 -12.96 0.12 -13.69
N PHE B 153 -12.91 -1.01 -14.39
CA PHE B 153 -13.12 -1.00 -15.85
C PHE B 153 -14.58 -0.57 -16.12
N ARG B 154 -15.54 -1.18 -15.41
CA ARG B 154 -16.95 -0.86 -15.61
C ARG B 154 -17.23 0.61 -15.30
N GLU B 155 -16.51 1.19 -14.34
CA GLU B 155 -16.74 2.58 -13.99
C GLU B 155 -15.84 3.58 -14.73
N GLY B 156 -15.00 3.06 -15.62
CA GLY B 156 -14.16 3.94 -16.41
C GLY B 156 -13.05 4.50 -15.57
N ASN B 157 -12.76 3.88 -14.42
CA ASN B 157 -11.67 4.31 -13.55
C ASN B 157 -10.35 3.74 -14.01
N ARG B 158 -10.38 2.57 -14.65
CA ARG B 158 -9.19 1.98 -15.25
C ARG B 158 -9.45 2.06 -16.73
N THR B 159 -8.58 2.80 -17.43
CA THR B 159 -8.78 3.07 -18.84
C THR B 159 -7.54 2.71 -19.66
N ASN B 160 -6.63 1.97 -19.08
CA ASN B 160 -5.41 1.62 -19.80
C ASN B 160 -5.58 0.41 -20.71
N ASP B 161 -6.83 -0.01 -20.96
CA ASP B 161 -7.06 -1.09 -21.91
C ASP B 161 -7.05 -0.52 -23.34
N GLY B 162 -7.18 0.79 -23.43
CA GLY B 162 -7.05 1.48 -24.70
C GLY B 162 -8.27 2.01 -25.42
N ASP B 163 -8.03 2.58 -26.59
CA ASP B 163 -9.07 3.11 -27.46
C ASP B 163 -10.05 2.04 -27.92
N THR B 164 -9.60 0.80 -27.97
CA THR B 164 -10.49 -0.30 -28.31
C THR B 164 -11.40 -0.62 -27.12
N MET B 165 -11.01 -0.14 -25.94
CA MET B 165 -11.79 -0.30 -24.71
C MET B 165 -12.29 -1.72 -24.51
N ILE B 166 -11.49 -2.72 -24.86
CA ILE B 166 -11.94 -4.10 -24.75
C ILE B 166 -12.45 -4.49 -23.37
N MET B 167 -11.74 -4.11 -22.31
CA MET B 167 -12.18 -4.52 -20.99
C MET B 167 -13.28 -3.65 -20.43
N ARG B 168 -13.24 -2.35 -20.69
CA ARG B 168 -14.30 -1.45 -20.23
C ARG B 168 -15.61 -1.83 -20.92
N GLY B 169 -15.49 -2.22 -22.17
CA GLY B 169 -16.65 -2.65 -22.91
C GLY B 169 -17.19 -3.93 -22.34
N VAL B 170 -16.30 -4.84 -21.94
CA VAL B 170 -16.73 -6.11 -21.39
C VAL B 170 -17.34 -5.91 -20.02
N ALA B 171 -16.60 -5.21 -19.18
CA ALA B 171 -17.01 -4.96 -17.81
C ALA B 171 -18.33 -4.18 -17.71
N ALA B 172 -18.64 -3.39 -18.73
CA ALA B 172 -19.88 -2.61 -18.76
C ALA B 172 -21.12 -3.49 -18.64
N LYS B 173 -21.00 -4.75 -19.04
CA LYS B 173 -22.12 -5.66 -18.98
C LYS B 173 -22.20 -6.45 -17.70
N LEU B 174 -21.39 -6.11 -16.71
CA LEU B 174 -21.37 -6.89 -15.47
C LEU B 174 -21.99 -6.22 -14.25
N SER B 175 -22.77 -6.98 -13.50
CA SER B 175 -23.36 -6.46 -12.27
C SER B 175 -22.44 -6.83 -11.10
N ASN B 176 -22.67 -6.22 -9.96
CA ASN B 176 -21.87 -6.49 -8.80
C ASN B 176 -21.91 -7.96 -8.43
N LYS B 177 -23.05 -8.61 -8.60
CA LYS B 177 -23.12 -10.02 -8.28
C LYS B 177 -22.30 -10.82 -9.28
N ASP B 178 -22.24 -10.32 -10.52
CA ASP B 178 -21.46 -10.97 -11.57
C ASP B 178 -19.98 -10.90 -11.23
N ILE B 179 -19.51 -9.70 -10.93
CA ILE B 179 -18.13 -9.44 -10.57
C ILE B 179 -17.68 -10.25 -9.34
N GLU B 180 -18.56 -10.33 -8.36
CA GLU B 180 -18.33 -11.05 -7.13
C GLU B 180 -18.19 -12.53 -7.36
N ALA B 181 -19.00 -13.08 -8.24
CA ALA B 181 -18.95 -14.50 -8.53
C ALA B 181 -17.76 -14.83 -9.40
N LEU B 182 -17.52 -14.02 -10.42
CA LEU B 182 -16.38 -14.20 -11.30
C LEU B 182 -15.09 -14.19 -10.45
N SER B 183 -14.85 -13.10 -9.73
CA SER B 183 -13.67 -13.00 -8.87
C SER B 183 -13.34 -14.24 -8.02
N SER B 184 -14.34 -14.78 -7.30
CA SER B 184 -14.15 -15.96 -6.45
C SER B 184 -13.75 -17.14 -7.31
N TYR B 185 -14.48 -17.36 -8.40
CA TYR B 185 -14.18 -18.45 -9.32
C TYR B 185 -12.72 -18.40 -9.81
N ILE B 186 -12.27 -17.22 -10.22
CA ILE B 186 -10.90 -17.02 -10.75
C ILE B 186 -9.82 -17.20 -9.69
N GLN B 187 -10.17 -17.04 -8.43
CA GLN B 187 -9.21 -17.24 -7.35
C GLN B 187 -8.78 -18.70 -7.21
N GLY B 188 -9.72 -19.61 -7.41
CA GLY B 188 -9.40 -21.03 -7.31
C GLY B 188 -9.08 -21.66 -8.66
N LEU B 189 -9.07 -20.82 -9.69
CA LEU B 189 -8.86 -21.25 -11.07
C LEU B 189 -7.44 -21.64 -11.42
N HIS B 190 -7.32 -22.86 -11.95
CA HIS B 190 -6.05 -23.42 -12.35
C HIS B 190 -6.42 -24.54 -13.34
CHA HEM C . 0.29 8.35 20.18
CHB HEM C . -3.46 11.20 19.17
CHC HEM C . -3.77 12.29 23.88
CHD HEM C . 0.46 10.14 24.67
C1A HEM C . -0.70 9.02 19.48
C2A HEM C . -0.92 8.99 18.06
C3A HEM C . -1.96 9.81 17.76
C4A HEM C . -2.38 10.37 18.99
CMA HEM C . -2.55 10.19 16.37
CAA HEM C . -0.04 8.26 17.09
CBA HEM C . 0.97 9.20 16.43
CGA HEM C . 1.76 8.51 15.32
O1A HEM C . 2.67 9.14 14.77
O2A HEM C . 1.46 7.35 15.01
C1B HEM C . -3.90 11.76 20.36
C2B HEM C . -5.09 12.51 20.51
C3B HEM C . -5.31 12.71 21.86
C4B HEM C . -4.10 12.19 22.52
CMB HEM C . -5.93 13.00 19.39
CAB HEM C . -6.42 13.43 22.70
CBB HEM C . -7.83 12.90 22.47
C1C HEM C . -2.65 11.82 24.55
C2C HEM C . -2.26 12.21 25.87
C3C HEM C . -1.03 11.64 26.10
C4C HEM C . -0.71 10.86 24.93
CMC HEM C . -3.15 13.07 26.77
CAC HEM C . 0.03 11.70 27.23
CBC HEM C . -0.41 11.32 28.60
C1D HEM C . 0.80 9.44 23.50
C2D HEM C . 1.80 8.44 23.42
C3D HEM C . 1.79 8.00 22.13
C4D HEM C . 0.68 8.59 21.49
CMD HEM C . 2.82 8.15 24.53
CAD HEM C . 2.87 7.20 21.43
CBD HEM C . 2.86 5.83 22.01
CGD HEM C . 3.96 4.98 21.47
O1D HEM C . 4.98 4.79 22.14
O2D HEM C . 3.80 4.48 20.35
NA HEM C . -1.51 9.99 20.01
NB HEM C . -3.29 11.60 21.59
NC HEM C . -1.75 10.97 24.00
ND HEM C . 0.08 9.45 22.34
FE HEM C . -1.61 10.55 21.99
CHA HEM D . 5.07 3.52 9.39
CHB HEM D . 9.82 4.25 9.36
CHC HEM D . 10.17 2.13 5.08
CHD HEM D . 5.33 2.19 4.73
C1A HEM D . 6.36 3.88 9.78
C2A HEM D . 6.69 4.55 10.98
C3A HEM D . 8.06 4.75 10.99
C4A HEM D . 8.50 4.29 9.72
CMA HEM D . 9.02 5.23 12.07
CAA HEM D . 5.68 4.95 12.02
CBA HEM D . 5.46 6.44 11.87
CGA HEM D . 4.60 7.01 12.99
O1A HEM D . 4.18 8.19 12.89
O2A HEM D . 4.35 6.28 13.96
C1B HEM D . 10.36 3.80 8.17
C2B HEM D . 11.72 3.81 7.86
C3B HEM D . 11.91 3.09 6.74
C4B HEM D . 10.56 2.80 6.27
CMB HEM D . 12.75 4.51 8.72
CAB HEM D . 13.14 2.65 5.86
CBB HEM D . 14.20 1.81 6.56
C1C HEM D . 8.87 1.89 4.59
C2C HEM D . 8.54 1.33 3.27
C3C HEM D . 7.14 1.45 3.14
C4C HEM D . 6.63 2.03 4.38
CMC HEM D . 9.53 0.76 2.23
CAC HEM D . 6.15 1.20 1.97
CBC HEM D . 6.27 -0.12 1.28
C1D HEM D . 4.82 2.52 5.97
C2D HEM D . 3.45 2.41 6.38
C3D HEM D . 3.35 2.85 7.66
C4D HEM D . 4.68 3.10 8.12
CMD HEM D . 2.30 1.89 5.50
CAD HEM D . 2.05 2.99 8.41
CBD HEM D . 1.67 1.83 9.31
CGD HEM D . 0.29 2.01 9.92
O1D HEM D . -0.66 2.26 9.18
O2D HEM D . 0.17 1.89 11.16
NA HEM D . 7.45 3.85 8.94
NB HEM D . 9.62 3.28 7.16
NC HEM D . 7.69 2.26 5.24
ND HEM D . 5.57 2.88 7.07
FE HEM D . 7.59 3.05 7.06
CHA HEM E . -0.28 -3.00 -8.70
CHB HEM E . 4.34 -4.04 -9.70
CHC HEM E . 5.64 -2.05 -5.46
CHD HEM E . 1.01 -1.66 -4.18
C1A HEM E . 0.86 -3.40 -9.41
C2A HEM E . 0.90 -3.96 -10.76
C3A HEM E . 2.24 -4.19 -11.05
C4A HEM E . 2.96 -3.86 -9.83
CMA HEM E . 2.96 -4.74 -12.31
CAA HEM E . -0.30 -4.30 -11.64
CBA HEM E . -0.53 -5.81 -11.63
CGA HEM E . -1.67 -6.27 -12.54
O1A HEM E . -2.07 -7.46 -12.46
O2A HEM E . -2.17 -5.45 -13.35
C1B HEM E . 5.10 -3.47 -8.67
C2B HEM E . 6.55 -3.34 -8.73
C3B HEM E . 6.92 -2.65 -7.56
C4B HEM E . 5.71 -2.43 -6.79
CMB HEM E . 7.35 -3.92 -9.91
CAB HEM E . 8.24 -2.23 -6.93
CBB HEM E . 8.99 -1.22 -7.77
C1C HEM E . 4.50 -1.84 -4.68
C2C HEM E . 4.51 -1.52 -3.25
C3C HEM E . 3.19 -1.43 -2.88
C4C HEM E . 2.41 -1.64 -4.10
CMC HEM E . 5.73 -1.39 -2.33
CAC HEM E . 2.47 -1.35 -1.55
CBC HEM E . 2.71 0.00 -0.86
C1D HEM E . 0.24 -1.96 -5.31
C2D HEM E . -1.19 -1.83 -5.41
C3D HEM E . -1.50 -2.16 -6.71
C4D HEM E . -0.32 -2.51 -7.40
CMD HEM E . -2.20 -1.49 -4.34
CAD HEM E . -2.86 -2.37 -7.29
CBD HEM E . -3.71 -1.13 -7.46
CGD HEM E . -5.08 -1.47 -8.01
O1D HEM E . -5.95 -1.87 -7.21
O2D HEM E . -5.26 -1.41 -9.22
NA HEM E . 2.13 -3.29 -8.89
NB HEM E . 4.60 -2.77 -7.56
NC HEM E . 3.21 -1.90 -5.20
ND HEM E . 0.76 -2.35 -6.55
FE HEM E . 2.69 -2.59 -7.04
CHA HEM F . -7.52 -7.39 -18.42
CHB HEM F . -11.06 -9.97 -16.46
CHC HEM F . -12.79 -10.97 -20.92
CHD HEM F . -8.95 -8.85 -22.90
C1A HEM F . -8.28 -8.00 -17.47
C2A HEM F . -8.19 -7.88 -16.02
C3A HEM F . -9.18 -8.63 -15.48
C4A HEM F . -9.91 -9.17 -16.60
CMA HEM F . -9.52 -8.77 -13.99
CAA HEM F . -7.22 -7.09 -15.16
CBA HEM F . -6.14 -8.12 -14.87
CGA HEM F . -5.09 -7.64 -13.90
O1A HEM F . -4.26 -8.46 -13.46
O2A HEM F . -5.10 -6.44 -13.54
C1B HEM F . -11.79 -10.52 -17.49
C2B HEM F . -12.94 -11.29 -17.29
C3B HEM F . -13.50 -11.49 -18.54
C4B HEM F . -12.62 -10.90 -19.52
CMB HEM F . -13.47 -11.74 -15.96
CAB HEM F . -14.84 -12.08 -19.03
CBB HEM F . -16.08 -11.39 -18.46
C1C HEM F . -11.91 -10.54 -21.88
C2C HEM F . -12.10 -10.68 -23.27
C3C HEM F . -10.92 -10.26 -23.81
C4C HEM F . -10.13 -9.60 -22.77
CMC HEM F . -13.35 -11.29 -23.91
CAC HEM F . -10.18 -10.44 -25.15
CBC HEM F . -10.90 -9.73 -26.27
C1D HEM F . -8.21 -8.29 -21.87
C2D HEM F . -7.10 -7.39 -22.07
C3D HEM F . -6.70 -6.98 -20.82
C4D HEM F . -7.62 -7.57 -19.84
CMD HEM F . -6.48 -6.88 -23.35
CAD HEM F . -5.44 -6.16 -20.47
CBD HEM F . -5.61 -4.66 -20.68
CGD HEM F . -4.38 -3.87 -20.28
O1D HEM F . -3.32 -4.07 -20.90
O2D HEM F . -4.47 -3.04 -19.35
NA HEM F . -9.31 -8.86 -17.83
NB HEM F . -11.53 -10.35 -18.86
NC HEM F . -10.73 -9.87 -21.58
ND HEM F . -8.53 -8.38 -20.53
FE HEM F . -10.03 -9.39 -19.73
#